data_8ZVK
#
_entry.id   8ZVK
#
_cell.length_a   80.775
_cell.length_b   80.775
_cell.length_c   82.167
_cell.angle_alpha   90.00
_cell.angle_beta   90.00
_cell.angle_gamma   120.00
#
_symmetry.space_group_name_H-M   'P 63'
#
loop_
_entity.id
_entity.type
_entity.pdbx_description
1 polymer AaBgIC
2 water water
#
_entity_poly.entity_id   1
_entity_poly.type   'polypeptide(L)'
_entity_poly.pdbx_seq_one_letter_code
;MKSSHHHHHHENLYFQSSSDFVGTHGQLQVIGNQLCNQYGQPIQLRGMSSHGLQWYPQFVNYDSIKWLRDDWGITVFRAA
MYTDSQGYISNPSVKNKVIEAVEACIALGIYVIIDWHILADGNPNQYKEQAKDFFREMATRYGNYPNVIYEICNEPNGPV
NWNNHIKPYAEEVIPVIRSIDRNNIVIVGTGTWSQDIHDAANNQLSFDNVMYALHFYAGTHGQNLRSRIDYAMSRGAAIF
VSEWGVSDASGDGGVFLSQSDVWLDFLNERNVSWVNWSLTHKVESSAALNPGASPNGGWTDANLSPSGRYVKSAMRKNYN
PPVPPTTTPTPTPTPTPTPTPTPTPTPTPTPTPTPTPTPTPTPTPTPTPTPTPTPTPTPTPTPTPTPTPTPTPIPEFKTI
PGLIQAEDYGNMYGIEVEECSEGGENVGYIDVGDWLDYYVNVQQSGEYTVEFRVASQTDSGRFSLRSGNSSIANFIVPNT
GDWQNWTTISTNVNLYAGEQILRVYADGELFNINWMRFTLNVQPTPTPTPTPTPTPTPTPTPTPTPTPTPTPTPTPTPTP
TPTPTPTPTPTPTPTPTPTPEPTPTPEFKTIPGLIQAEDYSDMFGIEVEECSEGGENVGYIDLGDWLDYNVIVEEAGTYT
VEFRVASETDLGRFSLRSGESTLASFTVPNTGDWQNWTTISAQVDLDAGEQVLRIYADGELFNINWMKFTLNDITEPSYL
LGDVDGDGRINSTDYALVRRFVLEIIDEFPSEYGHLAADVNGDGKIDSLDLILLRRYLLEIIDSF
;
_entity_poly.pdbx_strand_id   A
#
# COMPACT_ATOMS: atom_id res chain seq x y z
N ASP A 20 -2.46 18.21 9.92
CA ASP A 20 -2.92 17.00 10.60
C ASP A 20 -4.00 16.31 9.76
N PHE A 21 -3.56 15.51 8.80
CA PHE A 21 -4.51 14.90 7.88
C PHE A 21 -5.38 13.88 8.59
N VAL A 22 -4.77 13.05 9.44
CA VAL A 22 -5.53 12.07 10.21
C VAL A 22 -6.43 12.77 11.23
N GLY A 23 -5.97 13.89 11.79
CA GLY A 23 -6.81 14.64 12.72
C GLY A 23 -8.06 15.19 12.04
N THR A 24 -7.97 15.49 10.76
CA THR A 24 -9.15 15.92 10.02
C THR A 24 -10.05 14.74 9.69
N HIS A 25 -9.48 13.66 9.13
CA HIS A 25 -10.30 12.63 8.52
C HIS A 25 -10.55 11.42 9.42
N GLY A 26 -9.72 11.21 10.44
CA GLY A 26 -9.97 10.23 11.48
C GLY A 26 -10.14 8.81 10.96
N GLN A 27 -11.01 8.08 11.65
CA GLN A 27 -11.28 6.68 11.33
C GLN A 27 -11.76 6.48 9.90
N LEU A 28 -11.09 5.57 9.19
CA LEU A 28 -11.46 5.23 7.81
C LEU A 28 -12.41 4.05 7.81
N GLN A 29 -13.23 3.97 6.75
CA GLN A 29 -14.23 2.91 6.66
C GLN A 29 -14.61 2.75 5.20
N VAL A 30 -15.10 1.57 4.85
CA VAL A 30 -15.49 1.26 3.48
C VAL A 30 -17.01 1.32 3.41
N ILE A 31 -17.54 2.13 2.50
CA ILE A 31 -18.98 2.21 2.25
C ILE A 31 -19.21 1.86 0.79
N GLY A 32 -19.92 0.76 0.54
CA GLY A 32 -20.04 0.29 -0.84
C GLY A 32 -18.66 -0.05 -1.41
N ASN A 33 -18.36 0.48 -2.60
CA ASN A 33 -17.07 0.26 -3.24
C ASN A 33 -16.09 1.42 -2.99
N GLN A 34 -16.30 2.18 -1.92
CA GLN A 34 -15.48 3.39 -1.74
C GLN A 34 -14.89 3.56 -0.34
N LEU A 35 -13.58 3.79 -0.27
CA LEU A 35 -12.96 4.17 1.00
C LEU A 35 -13.47 5.55 1.44
N CYS A 36 -13.88 5.68 2.71
CA CYS A 36 -14.44 6.93 3.22
C CYS A 36 -13.76 7.33 4.53
N ASN A 37 -13.94 8.60 4.90
CA ASN A 37 -13.40 9.08 6.16
C ASN A 37 -14.41 8.89 7.28
N GLN A 38 -14.12 9.48 8.44
CA GLN A 38 -14.93 9.29 9.64
C GLN A 38 -16.32 9.89 9.50
N TYR A 39 -16.55 10.76 8.52
CA TYR A 39 -17.88 11.30 8.28
C TYR A 39 -18.58 10.62 7.11
N GLY A 40 -18.06 9.48 6.63
CA GLY A 40 -18.70 8.84 5.49
C GLY A 40 -18.50 9.56 4.18
N GLN A 41 -17.45 10.39 4.06
CA GLN A 41 -17.13 11.08 2.81
C GLN A 41 -16.07 10.31 2.04
N PRO A 42 -16.31 10.04 0.76
CA PRO A 42 -15.27 9.39 -0.08
C PRO A 42 -13.96 10.14 0.04
N ILE A 43 -12.87 9.41 0.22
CA ILE A 43 -11.55 9.99 0.40
C ILE A 43 -10.52 9.15 -0.34
N GLN A 44 -9.52 9.80 -0.91
CA GLN A 44 -8.44 9.14 -1.64
C GLN A 44 -7.16 9.41 -0.87
N LEU A 45 -6.36 8.35 -0.64
CA LEU A 45 -5.02 8.47 -0.07
C LEU A 45 -4.00 8.38 -1.21
N ARG A 46 -2.84 9.02 -1.02
CA ARG A 46 -1.75 8.95 -1.97
C ARG A 46 -0.44 8.93 -1.22
N GLY A 47 0.51 8.16 -1.71
CA GLY A 47 1.78 8.14 -1.01
C GLY A 47 2.85 7.25 -1.59
N MET A 48 3.75 6.80 -0.71
CA MET A 48 4.98 6.13 -1.09
C MET A 48 5.08 4.85 -0.30
N SER A 49 5.69 3.84 -0.94
CA SER A 49 6.04 2.60 -0.28
C SER A 49 7.55 2.56 -0.07
N SER A 50 7.95 2.03 1.08
CA SER A 50 9.33 1.65 1.26
C SER A 50 9.65 0.49 0.33
N HIS A 51 10.94 0.25 0.12
CA HIS A 51 11.36 -1.01 -0.44
C HIS A 51 11.45 -2.00 0.72
N GLY A 52 12.13 -3.12 0.52
CA GLY A 52 12.23 -4.11 1.58
C GLY A 52 12.90 -3.58 2.83
N LEU A 53 12.24 -3.71 3.99
CA LEU A 53 12.79 -3.16 5.23
C LEU A 53 14.05 -3.88 5.67
N GLN A 54 14.24 -5.14 5.21
CA GLN A 54 15.47 -5.86 5.49
C GLN A 54 16.62 -5.39 4.61
N TRP A 55 16.32 -4.71 3.50
CA TRP A 55 17.37 -4.29 2.56
C TRP A 55 17.63 -2.80 2.58
N TYR A 56 16.61 -1.97 2.64
CA TYR A 56 16.79 -0.52 2.63
C TYR A 56 16.10 0.15 3.81
N PRO A 57 16.38 -0.29 5.05
CA PRO A 57 15.72 0.35 6.21
C PRO A 57 16.12 1.80 6.41
N GLN A 58 17.29 2.23 5.93
CA GLN A 58 17.81 3.55 6.28
C GLN A 58 16.94 4.67 5.74
N PHE A 59 16.11 4.40 4.74
CA PHE A 59 15.23 5.43 4.19
C PHE A 59 13.88 5.53 4.91
N VAL A 60 13.64 4.68 5.90
CA VAL A 60 12.38 4.65 6.64
C VAL A 60 12.64 5.23 8.03
N ASN A 61 12.26 6.48 8.25
CA ASN A 61 12.52 7.12 9.53
C ASN A 61 11.63 8.33 9.64
N TYR A 62 11.59 8.90 10.85
CA TYR A 62 10.75 10.08 11.08
C TYR A 62 11.11 11.22 10.13
N ASP A 63 12.42 11.43 9.88
CA ASP A 63 12.87 12.54 9.03
C ASP A 63 12.40 12.40 7.59
N SER A 64 12.61 11.23 6.99
CA SER A 64 12.22 11.06 5.60
C SER A 64 10.70 11.04 5.45
N ILE A 65 9.97 10.48 6.42
CA ILE A 65 8.51 10.47 6.29
C ILE A 65 7.96 11.88 6.46
N LYS A 66 8.50 12.64 7.42
CA LYS A 66 8.07 14.03 7.56
C LYS A 66 8.33 14.84 6.30
N TRP A 67 9.50 14.62 5.67
CA TRP A 67 9.81 15.34 4.44
C TRP A 67 8.86 14.94 3.30
N LEU A 68 8.52 13.66 3.19
CA LEU A 68 7.53 13.27 2.19
C LEU A 68 6.19 13.94 2.45
N ARG A 69 5.80 14.05 3.71
CA ARG A 69 4.58 14.78 4.07
C ARG A 69 4.67 16.24 3.64
N ASP A 70 5.71 16.95 4.10
CA ASP A 70 5.78 18.40 3.93
C ASP A 70 6.10 18.80 2.51
N ASP A 71 7.04 18.09 1.86
CA ASP A 71 7.52 18.51 0.55
C ASP A 71 6.77 17.87 -0.62
N TRP A 72 6.38 16.60 -0.50
CA TRP A 72 5.60 15.95 -1.55
C TRP A 72 4.10 16.01 -1.29
N GLY A 73 3.71 16.01 -0.02
CA GLY A 73 2.31 15.97 0.32
C GLY A 73 1.69 14.59 0.39
N ILE A 74 2.43 13.55 0.77
CA ILE A 74 1.83 12.22 0.90
C ILE A 74 0.85 12.22 2.07
N THR A 75 -0.19 11.38 1.96
CA THR A 75 -1.11 11.18 3.08
C THR A 75 -1.10 9.74 3.61
N VAL A 76 -0.31 8.86 3.00
CA VAL A 76 -0.14 7.51 3.52
C VAL A 76 1.27 7.05 3.22
N PHE A 77 1.84 6.24 4.11
CA PHE A 77 3.15 5.63 3.91
C PHE A 77 3.08 4.13 4.14
N ARG A 78 3.69 3.35 3.26
CA ARG A 78 3.59 1.88 3.30
C ARG A 78 4.92 1.27 3.73
N ALA A 79 4.88 0.47 4.79
CA ALA A 79 6.06 -0.21 5.32
C ALA A 79 6.07 -1.64 4.79
N ALA A 80 6.93 -1.91 3.80
CA ALA A 80 6.97 -3.20 3.11
C ALA A 80 7.86 -4.18 3.87
N MET A 81 7.27 -4.99 4.74
CA MET A 81 8.05 -5.93 5.53
C MET A 81 7.98 -7.29 4.83
N TYR A 82 9.00 -7.58 4.01
CA TYR A 82 9.13 -8.88 3.38
C TYR A 82 9.12 -9.96 4.45
N THR A 83 8.43 -11.06 4.18
CA THR A 83 8.41 -12.21 5.06
C THR A 83 9.53 -13.18 4.72
N ASP A 84 9.70 -13.48 3.43
CA ASP A 84 10.76 -14.34 2.93
C ASP A 84 11.94 -13.46 2.52
N SER A 85 12.93 -14.04 1.81
CA SER A 85 14.04 -13.29 1.20
C SER A 85 14.80 -12.44 2.23
N GLN A 86 15.22 -13.09 3.32
CA GLN A 86 15.95 -12.50 4.44
C GLN A 86 15.10 -11.52 5.23
N GLY A 87 13.78 -11.60 5.10
CA GLY A 87 12.91 -10.71 5.84
C GLY A 87 12.51 -11.28 7.18
N TYR A 88 11.25 -11.03 7.58
CA TYR A 88 10.79 -11.18 8.96
C TYR A 88 10.98 -12.59 9.50
N ILE A 89 10.63 -13.61 8.72
CA ILE A 89 10.69 -14.99 9.20
C ILE A 89 12.11 -15.34 9.64
N SER A 90 13.10 -15.02 8.81
CA SER A 90 14.46 -15.35 9.19
C SER A 90 15.11 -14.27 10.03
N ASN A 91 14.66 -13.02 9.95
CA ASN A 91 15.21 -11.95 10.79
C ASN A 91 14.08 -11.10 11.36
N PRO A 92 13.51 -11.51 12.48
CA PRO A 92 12.30 -10.83 12.99
C PRO A 92 12.58 -9.45 13.53
N SER A 93 13.83 -9.04 13.70
CA SER A 93 14.11 -7.69 14.16
C SER A 93 13.67 -6.63 13.16
N VAL A 94 13.38 -7.02 11.91
CA VAL A 94 12.84 -6.07 10.94
C VAL A 94 11.50 -5.52 11.42
N LYS A 95 10.86 -6.22 12.36
CA LYS A 95 9.65 -5.72 12.96
C LYS A 95 9.85 -4.32 13.53
N ASN A 96 11.04 -4.04 14.06
CA ASN A 96 11.33 -2.73 14.64
C ASN A 96 11.18 -1.60 13.63
N LYS A 97 11.50 -1.86 12.36
CA LYS A 97 11.31 -0.83 11.34
C LYS A 97 9.83 -0.56 11.09
N VAL A 98 8.99 -1.59 11.23
CA VAL A 98 7.54 -1.36 11.12
C VAL A 98 7.07 -0.50 12.28
N ILE A 99 7.52 -0.83 13.49
CA ILE A 99 7.15 -0.03 14.66
C ILE A 99 7.60 1.43 14.47
N GLU A 100 8.82 1.62 13.94
CA GLU A 100 9.34 2.98 13.73
C GLU A 100 8.48 3.75 12.72
N ALA A 101 8.12 3.10 11.60
CA ALA A 101 7.30 3.75 10.59
C ALA A 101 5.93 4.09 11.14
N VAL A 102 5.33 3.19 11.92
CA VAL A 102 3.98 3.43 12.41
C VAL A 102 3.99 4.57 13.43
N GLU A 103 4.96 4.56 14.36
CA GLU A 103 5.03 5.63 15.34
C GLU A 103 5.38 6.99 14.70
N ALA A 104 6.18 7.00 13.64
CA ALA A 104 6.39 8.25 12.91
C ALA A 104 5.10 8.77 12.29
N CYS A 105 4.31 7.88 11.66
CA CYS A 105 3.09 8.35 11.00
C CYS A 105 2.04 8.79 12.01
N ILE A 106 1.96 8.15 13.17
CA ILE A 106 1.06 8.66 14.20
C ILE A 106 1.49 10.04 14.64
N ALA A 107 2.80 10.23 14.83
CA ALA A 107 3.29 11.54 15.23
C ALA A 107 3.05 12.60 14.15
N LEU A 108 3.03 12.20 12.88
CA LEU A 108 2.92 13.14 11.79
C LEU A 108 1.49 13.29 11.26
N GLY A 109 0.55 12.50 11.76
CA GLY A 109 -0.83 12.61 11.31
C GLY A 109 -1.08 12.15 9.90
N ILE A 110 -0.39 11.10 9.43
CA ILE A 110 -0.72 10.48 8.16
C ILE A 110 -1.03 9.01 8.40
N TYR A 111 -1.68 8.38 7.40
CA TYR A 111 -2.02 6.96 7.49
C TYR A 111 -0.79 6.10 7.18
N VAL A 112 -0.80 4.87 7.69
CA VAL A 112 0.34 3.95 7.51
C VAL A 112 -0.19 2.56 7.17
N ILE A 113 0.39 1.94 6.15
CA ILE A 113 0.06 0.57 5.79
C ILE A 113 1.13 -0.36 6.35
N ILE A 114 0.70 -1.33 7.15
CA ILE A 114 1.57 -2.39 7.65
C ILE A 114 1.44 -3.56 6.67
N ASP A 115 2.49 -3.81 5.90
CA ASP A 115 2.46 -4.71 4.73
C ASP A 115 3.25 -6.00 5.02
N TRP A 116 2.51 -7.09 5.15
CA TRP A 116 3.03 -8.45 5.24
C TRP A 116 3.37 -8.84 3.81
N HIS A 117 4.61 -8.53 3.40
CA HIS A 117 4.99 -8.44 1.99
C HIS A 117 5.48 -9.78 1.46
N ILE A 118 4.54 -10.69 1.18
CA ILE A 118 4.87 -11.97 0.55
C ILE A 118 5.20 -11.74 -0.92
N LEU A 119 6.10 -12.59 -1.45
CA LEU A 119 6.45 -12.53 -2.86
C LEU A 119 7.02 -13.86 -3.33
N ALA A 120 8.27 -14.16 -2.93
CA ALA A 120 8.83 -15.48 -3.23
C ALA A 120 8.01 -16.57 -2.58
N ASP A 121 7.50 -16.31 -1.39
CA ASP A 121 6.48 -17.14 -0.74
C ASP A 121 5.10 -16.75 -1.28
N GLY A 122 4.84 -17.17 -2.53
CA GLY A 122 3.64 -16.72 -3.27
C GLY A 122 2.32 -17.17 -2.68
N ASN A 123 2.30 -18.26 -1.93
CA ASN A 123 1.08 -18.69 -1.23
C ASN A 123 1.03 -18.04 0.14
N PRO A 124 0.02 -17.23 0.45
CA PRO A 124 -0.03 -16.61 1.79
C PRO A 124 -0.15 -17.62 2.92
N ASN A 125 -0.71 -18.80 2.65
CA ASN A 125 -0.86 -19.79 3.73
C ASN A 125 0.47 -20.35 4.21
N GLN A 126 1.55 -20.17 3.44
CA GLN A 126 2.84 -20.71 3.86
C GLN A 126 3.24 -20.21 5.25
N TYR A 127 3.13 -18.91 5.51
CA TYR A 127 3.48 -18.36 6.83
C TYR A 127 2.26 -17.79 7.56
N LYS A 128 1.09 -18.41 7.36
CA LYS A 128 -0.15 -17.91 7.92
C LYS A 128 -0.11 -17.88 9.46
N GLU A 129 0.53 -18.87 10.09
CA GLU A 129 0.56 -18.89 11.55
C GLU A 129 1.38 -17.72 12.09
N GLN A 130 2.51 -17.44 11.44
CA GLN A 130 3.34 -16.30 11.80
C GLN A 130 2.64 -14.98 11.51
N ALA A 131 1.84 -14.92 10.43
CA ALA A 131 1.08 -13.71 10.11
C ALA A 131 0.06 -13.40 11.20
N LYS A 132 -0.65 -14.42 11.69
CA LYS A 132 -1.59 -14.21 12.80
C LYS A 132 -0.87 -13.64 14.02
N ASP A 133 0.22 -14.26 14.44
CA ASP A 133 0.98 -13.76 15.58
C ASP A 133 1.48 -12.34 15.33
N PHE A 134 1.91 -12.04 14.10
CA PHE A 134 2.44 -10.71 13.84
C PHE A 134 1.34 -9.66 13.87
N PHE A 135 0.24 -9.91 13.16
CA PHE A 135 -0.85 -8.94 13.18
C PHE A 135 -1.53 -8.86 14.53
N ARG A 136 -1.42 -9.91 15.36
CA ARG A 136 -2.01 -9.83 16.69
C ARG A 136 -1.25 -8.83 17.54
N GLU A 137 0.08 -8.78 17.39
CA GLU A 137 0.88 -7.82 18.14
C GLU A 137 0.73 -6.40 17.61
N MET A 138 0.68 -6.23 16.29
CA MET A 138 0.52 -4.88 15.72
C MET A 138 -0.82 -4.27 16.15
N ALA A 139 -1.91 -5.02 16.06
CA ALA A 139 -3.21 -4.52 16.50
C ALA A 139 -3.22 -4.27 18.00
N THR A 140 -2.54 -5.11 18.78
CA THR A 140 -2.48 -4.85 20.21
C THR A 140 -1.77 -3.54 20.49
N ARG A 141 -0.70 -3.25 19.73
CA ARG A 141 0.05 -2.03 19.94
C ARG A 141 -0.68 -0.80 19.41
N TYR A 142 -1.35 -0.91 18.26
CA TYR A 142 -1.82 0.27 17.53
C TYR A 142 -3.27 0.24 17.09
N GLY A 143 -4.02 -0.83 17.38
CA GLY A 143 -5.37 -0.96 16.85
C GLY A 143 -6.32 0.15 17.24
N ASN A 144 -6.01 0.92 18.26
CA ASN A 144 -6.89 2.02 18.62
C ASN A 144 -6.59 3.31 17.87
N TYR A 145 -5.51 3.35 17.07
CA TYR A 145 -5.22 4.56 16.30
C TYR A 145 -5.87 4.45 14.92
N PRO A 146 -6.49 5.54 14.43
CA PRO A 146 -7.09 5.49 13.08
C PRO A 146 -6.06 5.50 11.94
N ASN A 147 -4.77 5.73 12.26
CA ASN A 147 -3.74 5.80 11.21
C ASN A 147 -3.52 4.46 10.50
N VAL A 148 -3.79 3.35 11.18
CA VAL A 148 -3.25 2.05 10.78
C VAL A 148 -4.14 1.38 9.74
N ILE A 149 -3.52 0.88 8.67
CA ILE A 149 -4.15 0.06 7.65
C ILE A 149 -3.36 -1.25 7.60
N TYR A 150 -4.06 -2.39 7.57
CA TYR A 150 -3.36 -3.68 7.49
C TYR A 150 -3.40 -4.22 6.07
N GLU A 151 -2.26 -4.68 5.57
CA GLU A 151 -2.19 -5.31 4.26
C GLU A 151 -1.66 -6.73 4.48
N ILE A 152 -2.54 -7.71 4.44
CA ILE A 152 -2.20 -9.03 4.98
C ILE A 152 -1.50 -9.96 4.00
N CYS A 153 -1.41 -9.62 2.72
CA CYS A 153 -0.58 -10.42 1.81
C CYS A 153 -0.32 -9.71 0.50
N ASN A 154 0.83 -9.06 0.41
CA ASN A 154 1.24 -8.19 -0.68
C ASN A 154 0.83 -8.71 -2.06
N GLU A 155 1.50 -9.77 -2.54
CA GLU A 155 1.32 -10.24 -3.91
C GLU A 155 1.28 -11.76 -3.92
N PRO A 156 0.12 -12.36 -3.68
CA PRO A 156 -0.06 -13.77 -4.02
C PRO A 156 0.34 -13.99 -5.48
N ASN A 157 1.07 -15.07 -5.74
CA ASN A 157 1.47 -15.34 -7.12
C ASN A 157 1.81 -16.81 -7.26
N GLY A 158 1.84 -17.24 -8.53
CA GLY A 158 2.00 -18.63 -8.86
C GLY A 158 0.68 -19.33 -9.05
N PRO A 159 0.66 -20.64 -8.80
CA PRO A 159 -0.59 -21.42 -8.82
C PRO A 159 -1.34 -21.26 -7.51
N VAL A 160 -1.80 -20.02 -7.28
CA VAL A 160 -2.40 -19.59 -6.03
C VAL A 160 -3.63 -18.78 -6.42
N ASN A 161 -4.80 -19.15 -5.89
CA ASN A 161 -6.05 -18.60 -6.40
C ASN A 161 -6.91 -18.01 -5.29
N TRP A 162 -7.85 -17.15 -5.69
CA TRP A 162 -8.72 -16.51 -4.70
C TRP A 162 -9.57 -17.52 -3.95
N ASN A 163 -10.30 -18.39 -4.68
CA ASN A 163 -11.35 -19.19 -4.04
C ASN A 163 -10.81 -20.21 -3.05
N ASN A 164 -9.64 -20.81 -3.31
CA ASN A 164 -9.17 -21.86 -2.39
C ASN A 164 -7.78 -21.61 -1.80
N HIS A 165 -7.18 -20.44 -2.02
CA HIS A 165 -5.97 -20.11 -1.27
C HIS A 165 -6.10 -18.76 -0.57
N ILE A 166 -6.38 -17.69 -1.31
CA ILE A 166 -6.28 -16.35 -0.72
C ILE A 166 -7.46 -16.09 0.19
N LYS A 167 -8.68 -16.33 -0.30
CA LYS A 167 -9.85 -16.09 0.54
C LYS A 167 -9.80 -16.89 1.83
N PRO A 168 -9.50 -18.20 1.83
CA PRO A 168 -9.41 -18.91 3.12
C PRO A 168 -8.34 -18.36 4.04
N TYR A 169 -7.19 -17.97 3.49
CA TYR A 169 -6.17 -17.28 4.28
C TYR A 169 -6.76 -16.05 4.95
N ALA A 170 -7.44 -15.21 4.17
CA ALA A 170 -7.99 -13.98 4.74
C ALA A 170 -9.03 -14.30 5.82
N GLU A 171 -9.84 -15.33 5.62
CA GLU A 171 -10.82 -15.69 6.62
C GLU A 171 -10.22 -16.26 7.90
N GLU A 172 -8.93 -16.60 7.92
CA GLU A 172 -8.25 -16.95 9.16
C GLU A 172 -7.54 -15.77 9.79
N VAL A 173 -6.96 -14.88 8.99
CA VAL A 173 -6.18 -13.79 9.58
C VAL A 173 -7.08 -12.66 10.07
N ILE A 174 -8.09 -12.30 9.28
CA ILE A 174 -8.90 -11.11 9.63
C ILE A 174 -9.64 -11.29 10.95
N PRO A 175 -10.23 -12.47 11.27
CA PRO A 175 -10.87 -12.60 12.58
C PRO A 175 -9.92 -12.35 13.74
N VAL A 176 -8.62 -12.58 13.54
CA VAL A 176 -7.62 -12.31 14.57
C VAL A 176 -7.40 -10.80 14.72
N ILE A 177 -7.15 -10.11 13.62
CA ILE A 177 -7.14 -8.64 13.64
C ILE A 177 -8.42 -8.10 14.28
N ARG A 178 -9.58 -8.50 13.76
CA ARG A 178 -10.86 -7.95 14.20
C ARG A 178 -11.19 -8.33 15.64
N SER A 179 -10.53 -9.34 16.20
CA SER A 179 -10.74 -9.64 17.61
C SER A 179 -10.12 -8.58 18.51
N ILE A 180 -9.22 -7.75 17.98
CA ILE A 180 -8.61 -6.65 18.72
C ILE A 180 -8.97 -5.29 18.13
N ASP A 181 -8.93 -5.18 16.81
CA ASP A 181 -9.09 -3.90 16.10
C ASP A 181 -10.35 -4.03 15.26
N ARG A 182 -11.47 -3.52 15.77
CA ARG A 182 -12.75 -3.78 15.15
C ARG A 182 -12.97 -3.04 13.84
N ASN A 183 -12.23 -1.96 13.54
CA ASN A 183 -12.67 -1.07 12.46
C ASN A 183 -11.62 -0.67 11.44
N ASN A 184 -10.32 -0.83 11.70
CA ASN A 184 -9.35 -0.33 10.75
C ASN A 184 -9.36 -1.17 9.47
N ILE A 185 -8.98 -0.54 8.36
CA ILE A 185 -9.07 -1.13 7.02
C ILE A 185 -8.12 -2.31 6.91
N VAL A 186 -8.57 -3.40 6.27
CA VAL A 186 -7.69 -4.49 5.86
C VAL A 186 -7.67 -4.53 4.34
N ILE A 187 -6.46 -4.43 3.74
CA ILE A 187 -6.25 -4.64 2.31
C ILE A 187 -5.83 -6.09 2.07
N VAL A 188 -6.51 -6.77 1.15
CA VAL A 188 -6.22 -8.18 0.86
C VAL A 188 -5.68 -8.30 -0.56
N GLY A 189 -4.51 -8.93 -0.72
CA GLY A 189 -3.93 -9.12 -2.04
C GLY A 189 -4.71 -10.11 -2.88
N THR A 190 -4.47 -10.08 -4.19
CA THR A 190 -5.18 -10.95 -5.13
C THR A 190 -4.18 -11.73 -5.99
N GLY A 191 -4.72 -12.64 -6.81
CA GLY A 191 -3.87 -13.55 -7.57
C GLY A 191 -3.09 -12.85 -8.68
N THR A 192 -2.05 -13.55 -9.16
CA THR A 192 -1.20 -13.06 -10.25
C THR A 192 -0.59 -11.70 -9.90
N TRP A 193 0.09 -11.65 -8.75
CA TRP A 193 0.71 -10.44 -8.20
C TRP A 193 -0.31 -9.32 -8.07
N SER A 194 -1.41 -9.60 -7.36
CA SER A 194 -2.49 -8.65 -7.11
C SER A 194 -3.02 -8.00 -8.39
N GLN A 195 -3.27 -8.84 -9.39
CA GLN A 195 -3.99 -8.42 -10.59
C GLN A 195 -5.41 -8.96 -10.67
N ASP A 196 -5.70 -10.10 -10.03
CA ASP A 196 -6.95 -10.84 -10.28
C ASP A 196 -8.07 -10.38 -9.34
N ILE A 197 -8.33 -9.07 -9.36
CA ILE A 197 -9.40 -8.50 -8.52
C ILE A 197 -10.80 -8.91 -8.97
N HIS A 198 -10.93 -9.46 -10.18
CA HIS A 198 -12.24 -9.89 -10.65
C HIS A 198 -12.68 -11.18 -9.97
N ASP A 199 -11.75 -12.10 -9.70
CA ASP A 199 -12.07 -13.26 -8.85
C ASP A 199 -12.56 -12.81 -7.49
N ALA A 200 -11.82 -11.89 -6.85
CA ALA A 200 -12.21 -11.39 -5.53
C ALA A 200 -13.59 -10.73 -5.56
N ALA A 201 -13.85 -9.94 -6.62
CA ALA A 201 -15.13 -9.24 -6.73
C ALA A 201 -16.32 -10.18 -6.92
N ASN A 202 -16.09 -11.34 -7.55
CA ASN A 202 -17.14 -12.33 -7.76
C ASN A 202 -17.34 -13.24 -6.56
N ASN A 203 -16.51 -13.09 -5.52
CA ASN A 203 -16.64 -13.93 -4.33
C ASN A 203 -16.02 -13.21 -3.13
N GLN A 204 -16.65 -12.12 -2.73
CA GLN A 204 -16.08 -11.16 -1.79
C GLN A 204 -16.12 -11.67 -0.36
N LEU A 205 -15.20 -11.13 0.46
CA LEU A 205 -15.17 -11.44 1.89
C LEU A 205 -16.41 -10.85 2.56
N SER A 206 -16.87 -11.51 3.62
CA SER A 206 -18.03 -11.05 4.37
C SER A 206 -17.70 -9.94 5.36
N PHE A 207 -16.43 -9.72 5.66
CA PHE A 207 -16.10 -8.78 6.71
C PHE A 207 -16.34 -7.35 6.25
N ASP A 208 -16.50 -6.46 7.21
CA ASP A 208 -16.61 -5.05 6.87
C ASP A 208 -15.23 -4.42 6.79
N ASN A 209 -15.17 -3.27 6.13
CA ASN A 209 -13.96 -2.46 6.02
C ASN A 209 -12.80 -3.29 5.46
N VAL A 210 -13.07 -3.99 4.36
CA VAL A 210 -12.04 -4.68 3.60
C VAL A 210 -12.00 -4.14 2.18
N MET A 211 -10.78 -4.16 1.62
CA MET A 211 -10.49 -3.73 0.25
C MET A 211 -9.57 -4.76 -0.38
N TYR A 212 -9.55 -4.79 -1.71
CA TYR A 212 -8.77 -5.74 -2.47
C TYR A 212 -7.70 -4.98 -3.23
N ALA A 213 -6.48 -5.52 -3.22
CA ALA A 213 -5.33 -4.85 -3.79
C ALA A 213 -5.23 -5.08 -5.29
N LEU A 214 -4.90 -4.00 -6.00
CA LEU A 214 -4.58 -4.01 -7.43
C LEU A 214 -3.20 -3.37 -7.59
N HIS A 215 -2.25 -4.12 -8.16
CA HIS A 215 -0.90 -3.63 -8.43
C HIS A 215 -0.65 -3.52 -9.93
N PHE A 216 -0.08 -2.40 -10.40
CA PHE A 216 0.19 -2.24 -11.83
C PHE A 216 1.52 -1.55 -12.04
N TYR A 217 2.09 -1.76 -13.23
CA TYR A 217 3.32 -1.09 -13.63
C TYR A 217 3.09 -0.50 -15.01
N ALA A 218 3.41 0.79 -15.18
CA ALA A 218 3.04 1.52 -16.40
C ALA A 218 3.76 0.99 -17.64
N GLY A 219 4.91 0.35 -17.48
CA GLY A 219 5.56 -0.25 -18.64
C GLY A 219 4.99 -1.58 -19.03
N THR A 220 4.01 -2.10 -18.30
CA THR A 220 3.53 -3.45 -18.55
C THR A 220 2.02 -3.51 -18.68
N HIS A 221 1.29 -2.86 -17.78
CA HIS A 221 -0.15 -3.05 -17.68
C HIS A 221 -0.89 -1.85 -18.25
N GLY A 222 -1.97 -2.15 -18.99
CA GLY A 222 -2.65 -1.13 -19.77
C GLY A 222 -4.15 -1.15 -19.53
N GLN A 223 -4.90 -0.92 -20.61
CA GLN A 223 -6.34 -0.73 -20.50
C GLN A 223 -7.07 -1.96 -19.98
N ASN A 224 -6.55 -3.16 -20.26
CA ASN A 224 -7.22 -4.37 -19.77
C ASN A 224 -7.32 -4.39 -18.25
N LEU A 225 -6.24 -4.01 -17.55
CA LEU A 225 -6.27 -4.00 -16.08
C LEU A 225 -7.13 -2.86 -15.55
N ARG A 226 -7.11 -1.70 -16.21
CA ARG A 226 -7.99 -0.61 -15.80
C ARG A 226 -9.45 -1.03 -15.87
N SER A 227 -9.82 -1.75 -16.93
CA SER A 227 -11.18 -2.27 -17.05
C SER A 227 -11.54 -3.18 -15.89
N ARG A 228 -10.58 -3.94 -15.37
CA ARG A 228 -10.84 -4.82 -14.24
C ARG A 228 -11.23 -4.04 -12.99
N ILE A 229 -10.64 -2.86 -12.79
CA ILE A 229 -11.03 -2.03 -11.66
C ILE A 229 -12.50 -1.64 -11.78
N ASP A 230 -12.92 -1.23 -12.96
CA ASP A 230 -14.31 -0.84 -13.16
C ASP A 230 -15.23 -2.05 -12.99
N TYR A 231 -14.83 -3.20 -13.52
CA TYR A 231 -15.63 -4.40 -13.30
C TYR A 231 -15.79 -4.68 -11.80
N ALA A 232 -14.68 -4.62 -11.05
CA ALA A 232 -14.73 -5.00 -9.64
C ALA A 232 -15.56 -4.02 -8.82
N MET A 233 -15.37 -2.72 -9.06
CA MET A 233 -16.12 -1.71 -8.32
C MET A 233 -17.61 -1.76 -8.64
N SER A 234 -17.97 -2.13 -9.88
CA SER A 234 -19.36 -2.29 -10.26
C SER A 234 -20.03 -3.44 -9.50
N ARG A 235 -19.28 -4.45 -9.10
CA ARG A 235 -19.81 -5.47 -8.21
C ARG A 235 -19.75 -5.07 -6.75
N GLY A 236 -19.43 -3.83 -6.43
CA GLY A 236 -19.44 -3.38 -5.05
C GLY A 236 -18.15 -3.56 -4.28
N ALA A 237 -17.05 -3.95 -4.94
CA ALA A 237 -15.81 -4.25 -4.24
C ALA A 237 -14.91 -3.01 -4.24
N ALA A 238 -14.32 -2.71 -3.09
CA ALA A 238 -13.43 -1.55 -2.96
C ALA A 238 -11.99 -1.97 -3.26
N ILE A 239 -11.32 -1.18 -4.08
CA ILE A 239 -10.00 -1.48 -4.65
C ILE A 239 -9.02 -0.44 -4.13
N PHE A 240 -7.86 -0.90 -3.65
CA PHE A 240 -6.78 -0.02 -3.18
C PHE A 240 -5.53 -0.35 -4.00
N VAL A 241 -4.99 0.65 -4.69
CA VAL A 241 -3.74 0.41 -5.42
C VAL A 241 -2.57 0.52 -4.44
N SER A 242 -2.26 -0.55 -3.72
CA SER A 242 -1.25 -0.39 -2.68
C SER A 242 0.18 -0.48 -3.21
N GLU A 243 0.36 -0.69 -4.52
CA GLU A 243 1.69 -0.66 -5.10
C GLU A 243 1.58 -0.42 -6.60
N TRP A 244 2.30 0.58 -7.11
CA TRP A 244 2.44 0.73 -8.55
C TRP A 244 3.78 1.42 -8.87
N GLY A 245 4.27 1.21 -10.10
CA GLY A 245 5.51 1.83 -10.53
C GLY A 245 5.41 2.41 -11.93
N VAL A 246 6.32 3.33 -12.21
CA VAL A 246 6.43 3.94 -13.55
C VAL A 246 7.18 3.06 -14.53
N SER A 247 7.87 2.03 -14.02
CA SER A 247 8.72 1.14 -14.81
C SER A 247 7.87 0.03 -15.44
N ASP A 248 8.52 -0.98 -16.01
CA ASP A 248 7.82 -2.21 -16.27
C ASP A 248 7.74 -3.03 -14.98
N ALA A 249 7.02 -4.15 -15.04
CA ALA A 249 6.73 -4.90 -13.81
C ALA A 249 7.97 -5.55 -13.19
N SER A 250 9.13 -5.53 -13.84
CA SER A 250 10.33 -5.99 -13.14
C SER A 250 10.89 -4.93 -12.20
N GLY A 251 10.36 -3.70 -12.24
CA GLY A 251 10.92 -2.59 -11.48
C GLY A 251 11.97 -1.78 -12.22
N ASP A 252 12.29 -2.16 -13.46
CA ASP A 252 13.34 -1.52 -14.25
C ASP A 252 12.76 -1.34 -15.65
N GLY A 253 13.62 -1.25 -16.66
CA GLY A 253 13.14 -1.13 -18.02
C GLY A 253 12.76 0.26 -18.49
N GLY A 254 13.23 1.30 -17.81
CA GLY A 254 12.87 2.63 -18.18
C GLY A 254 11.61 3.13 -17.49
N VAL A 255 11.26 4.37 -17.83
CA VAL A 255 10.18 5.09 -17.17
C VAL A 255 9.11 5.40 -18.21
N PHE A 256 7.85 5.17 -17.85
CA PHE A 256 6.73 5.30 -18.79
C PHE A 256 5.77 6.37 -18.27
N LEU A 257 6.15 7.63 -18.49
CA LEU A 257 5.43 8.73 -17.84
C LEU A 257 4.09 9.04 -18.52
N SER A 258 4.01 8.87 -19.85
CA SER A 258 2.75 9.06 -20.55
C SER A 258 1.71 8.06 -20.08
N GLN A 259 2.12 6.78 -20.02
CA GLN A 259 1.26 5.74 -19.48
C GLN A 259 0.93 5.98 -18.01
N SER A 260 1.89 6.49 -17.24
CA SER A 260 1.60 6.78 -15.84
C SER A 260 0.52 7.83 -15.71
N ASP A 261 0.53 8.82 -16.62
CA ASP A 261 -0.49 9.85 -16.60
C ASP A 261 -1.89 9.29 -16.83
N VAL A 262 -2.04 8.36 -17.78
CA VAL A 262 -3.37 7.82 -18.04
C VAL A 262 -3.85 7.04 -16.83
N TRP A 263 -2.96 6.25 -16.22
CA TRP A 263 -3.33 5.46 -15.03
C TRP A 263 -3.73 6.37 -13.87
N LEU A 264 -2.92 7.39 -13.56
CA LEU A 264 -3.23 8.19 -12.37
C LEU A 264 -4.50 8.99 -12.60
N ASP A 265 -4.71 9.50 -13.82
CA ASP A 265 -5.94 10.23 -14.11
C ASP A 265 -7.16 9.34 -13.92
N PHE A 266 -7.08 8.10 -14.43
CA PHE A 266 -8.13 7.11 -14.26
C PHE A 266 -8.41 6.83 -12.79
N LEU A 267 -7.35 6.63 -12.00
CA LEU A 267 -7.55 6.37 -10.57
C LEU A 267 -8.06 7.61 -9.84
N ASN A 268 -7.50 8.79 -10.14
CA ASN A 268 -7.96 10.02 -9.51
C ASN A 268 -9.44 10.26 -9.80
N GLU A 269 -9.86 10.00 -11.04
CA GLU A 269 -11.25 10.14 -11.45
C GLU A 269 -12.18 9.28 -10.60
N ARG A 270 -11.73 8.07 -10.23
CA ARG A 270 -12.54 7.12 -9.50
C ARG A 270 -12.30 7.16 -8.00
N ASN A 271 -11.49 8.10 -7.52
CA ASN A 271 -11.13 8.22 -6.10
C ASN A 271 -10.45 6.97 -5.55
N VAL A 272 -9.68 6.27 -6.36
CA VAL A 272 -8.97 5.08 -5.91
C VAL A 272 -7.61 5.50 -5.35
N SER A 273 -7.32 5.10 -4.12
CA SER A 273 -6.06 5.44 -3.47
C SER A 273 -4.88 4.74 -4.13
N TRP A 274 -3.70 5.37 -4.07
CA TRP A 274 -2.53 4.78 -4.71
C TRP A 274 -1.25 5.08 -3.96
N VAL A 275 -0.32 4.11 -4.04
CA VAL A 275 0.99 4.19 -3.32
C VAL A 275 2.11 3.77 -4.28
N ASN A 276 3.01 4.70 -4.61
CA ASN A 276 4.12 4.44 -5.57
C ASN A 276 5.24 3.54 -4.99
N TRP A 277 5.87 2.75 -5.86
CA TRP A 277 7.03 1.92 -5.46
C TRP A 277 8.24 2.44 -6.23
N SER A 278 9.36 2.76 -5.57
CA SER A 278 9.58 2.61 -4.11
C SER A 278 10.55 3.70 -3.59
N LEU A 279 10.63 3.87 -2.28
CA LEU A 279 11.56 4.86 -1.68
C LEU A 279 12.91 4.19 -1.40
N THR A 280 13.79 4.20 -2.39
CA THR A 280 15.12 3.61 -2.26
C THR A 280 16.01 4.20 -3.35
N HIS A 281 17.31 3.95 -3.24
CA HIS A 281 18.29 4.41 -4.22
C HIS A 281 18.83 3.29 -5.10
N LYS A 282 18.29 2.06 -4.96
CA LYS A 282 18.59 0.98 -5.89
C LYS A 282 18.59 1.50 -7.33
N VAL A 283 19.52 1.00 -8.14
CA VAL A 283 19.76 1.58 -9.46
C VAL A 283 18.83 0.94 -10.48
N GLU A 284 17.54 1.31 -10.41
CA GLU A 284 16.49 0.78 -11.27
C GLU A 284 15.44 1.86 -11.49
N SER A 285 14.68 1.72 -12.59
CA SER A 285 13.81 2.81 -13.04
C SER A 285 12.74 3.17 -12.03
N SER A 286 12.24 2.21 -11.24
CA SER A 286 11.15 2.54 -10.34
C SER A 286 11.61 3.18 -9.04
N ALA A 287 12.93 3.21 -8.78
CA ALA A 287 13.42 3.76 -7.52
C ALA A 287 13.30 5.28 -7.53
N ALA A 288 12.80 5.85 -6.42
CA ALA A 288 12.54 7.29 -6.34
C ALA A 288 13.79 8.14 -6.19
N LEU A 289 14.89 7.58 -5.69
CA LEU A 289 16.05 8.36 -5.27
C LEU A 289 17.27 7.95 -6.08
N ASN A 290 18.14 8.94 -6.41
CA ASN A 290 19.45 8.63 -6.99
C ASN A 290 20.42 8.19 -5.89
N PRO A 291 21.38 7.32 -6.23
CA PRO A 291 22.42 6.98 -5.25
C PRO A 291 23.07 8.24 -4.70
N GLY A 292 23.28 8.27 -3.39
CA GLY A 292 23.73 9.46 -2.71
C GLY A 292 22.63 10.34 -2.15
N ALA A 293 21.37 10.06 -2.42
CA ALA A 293 20.29 10.81 -1.78
C ALA A 293 20.28 10.51 -0.29
N SER A 294 20.01 11.53 0.51
CA SER A 294 20.11 11.37 1.95
C SER A 294 19.09 10.36 2.46
N PRO A 295 19.43 9.54 3.45
CA PRO A 295 18.41 8.66 4.05
C PRO A 295 17.37 9.42 4.86
N ASN A 296 17.64 10.68 5.23
CA ASN A 296 16.76 11.44 6.12
C ASN A 296 16.05 12.59 5.40
N GLY A 297 15.76 12.44 4.12
CA GLY A 297 14.91 13.41 3.43
C GLY A 297 15.65 14.68 3.03
N GLY A 298 14.85 15.72 2.75
CA GLY A 298 15.42 16.99 2.30
C GLY A 298 15.96 17.01 0.89
N TRP A 299 15.47 16.13 0.00
CA TRP A 299 16.11 15.90 -1.30
C TRP A 299 15.85 17.05 -2.26
N THR A 300 16.89 17.51 -2.94
CA THR A 300 16.74 18.44 -4.06
C THR A 300 16.37 17.67 -5.31
N ASP A 301 16.11 18.40 -6.40
CA ASP A 301 15.70 17.77 -7.64
C ASP A 301 16.79 16.86 -8.19
N ALA A 302 18.06 17.27 -8.04
CA ALA A 302 19.16 16.40 -8.49
C ALA A 302 19.18 15.07 -7.75
N ASN A 303 18.70 15.05 -6.49
CA ASN A 303 18.66 13.84 -5.68
C ASN A 303 17.53 12.89 -6.06
N LEU A 304 16.49 13.37 -6.72
CA LEU A 304 15.38 12.54 -7.17
C LEU A 304 15.67 11.96 -8.55
N SER A 305 15.31 10.71 -8.74
CA SER A 305 15.37 10.05 -10.03
C SER A 305 14.24 10.57 -10.92
N PRO A 306 14.26 10.24 -12.22
CA PRO A 306 13.08 10.55 -13.06
C PRO A 306 11.77 10.07 -12.48
N SER A 307 11.74 8.84 -11.95
CA SER A 307 10.51 8.37 -11.31
C SER A 307 10.17 9.26 -10.11
N GLY A 308 11.15 9.52 -9.26
CA GLY A 308 10.92 10.36 -8.09
C GLY A 308 10.38 11.74 -8.45
N ARG A 309 11.00 12.39 -9.45
CA ARG A 309 10.52 13.71 -9.83
C ARG A 309 9.09 13.65 -10.32
N TYR A 310 8.76 12.63 -11.12
CA TYR A 310 7.39 12.50 -11.62
C TYR A 310 6.39 12.26 -10.48
N VAL A 311 6.73 11.37 -9.53
CA VAL A 311 5.76 11.01 -8.49
C VAL A 311 5.53 12.19 -7.54
N LYS A 312 6.58 12.96 -7.24
CA LYS A 312 6.39 14.17 -6.44
C LYS A 312 5.44 15.14 -7.13
N SER A 313 5.63 15.34 -8.44
CA SER A 313 4.73 16.17 -9.21
C SER A 313 3.30 15.64 -9.18
N ALA A 314 3.13 14.34 -9.30
CA ALA A 314 1.77 13.78 -9.32
C ALA A 314 1.11 13.76 -7.94
N MET A 315 1.90 13.84 -6.86
CA MET A 315 1.33 13.54 -5.55
C MET A 315 0.20 14.51 -5.19
N ARG A 316 0.30 15.79 -5.54
CA ARG A 316 -0.76 16.73 -5.19
C ARG A 316 -1.54 17.22 -6.42
N LYS A 317 -1.37 16.58 -7.57
CA LYS A 317 -2.11 17.00 -8.76
C LYS A 317 -3.58 16.60 -8.61
N ASN A 318 -4.48 17.57 -8.73
CA ASN A 318 -5.92 17.30 -8.72
C ASN A 318 -6.35 16.58 -7.45
N TYR A 319 -5.81 17.01 -6.32
CA TYR A 319 -6.04 16.35 -5.05
C TYR A 319 -6.96 17.24 -4.21
N ASN A 320 -8.22 16.85 -4.08
CA ASN A 320 -9.22 17.62 -3.33
C ASN A 320 -9.93 16.71 -2.33
N PRO A 321 -9.33 16.50 -1.16
CA PRO A 321 -10.00 15.68 -0.12
C PRO A 321 -11.25 16.35 0.40
N PRO A 322 -12.17 15.60 1.01
CA PRO A 322 -13.45 16.19 1.41
C PRO A 322 -13.29 17.20 2.54
N VAL A 323 -14.26 18.11 2.63
CA VAL A 323 -14.33 19.09 3.71
C VAL A 323 -15.30 18.56 4.75
N PRO A 324 -14.90 18.44 6.02
CA PRO A 324 -15.80 17.87 7.03
C PRO A 324 -17.09 18.68 7.11
N PRO A 325 -18.21 18.02 7.45
CA PRO A 325 -19.48 18.73 7.59
C PRO A 325 -19.43 19.82 8.67
#